data_6TDT
#
_entry.id   6TDT
#
_cell.length_a   69.872
_cell.length_b   71.726
_cell.length_c   72.099
_cell.angle_alpha   90.000
_cell.angle_beta   100.175
_cell.angle_gamma   90.000
#
_symmetry.space_group_name_H-M   'C 1 2 1'
#
loop_
_entity.id
_entity.type
_entity.pdbx_description
1 polymer Prothrombin
2 polymer Prothrombin
3 polymer 'Hirudin variant-2'
4 non-polymer 'PHOSPHATE ION'
5 non-polymer 'SODIUM ION'
6 non-polymer 'DIMETHYL SULFOXIDE'
7 non-polymer (2~{S})-1-[(2~{R})-2-azanyl-3,3-diphenyl-propanoyl]-~{N}-(pyridin-4-ylmethyl)pyrrolidine-2-carboxamide
8 non-polymer 2-acetamido-2-deoxy-beta-D-glucopyranose
9 water water
#
loop_
_entity_poly.entity_id
_entity_poly.type
_entity_poly.pdbx_seq_one_letter_code
_entity_poly.pdbx_strand_id
1 'polypeptide(L)'
;IVEGSDAEIGMSPWQVMLFRKSPQELLCGASLISDRWVLTAAHCLLYPPWDKNFTENDLLVRIGKHSRTRYERNIEKISM
LEKIYIHPRYNWRENLDRDIALMKLKKPVAFSDYIHPVCLPDRETAASLLQAGYKGRVTGWGNLKETWTANVGKGQPSVL
QVVNLPIVERPVCKDSTRIRITDNMFCAGYKPDEGKRGDACEGDSGGPFVMKSPFNNRWYQMGIVSWGEGCDRDGKYGFY
THVFRLKKWIQKVIDQFGE
;
H
2 'polypeptide(L)' TFGSGEADCGLRPLFEKKSLEDKTERELLESYIDGR L
3 'polypeptide(L)' DFEEIPEE(TYS)LQ I
#
# COMPACT_ATOMS: atom_id res chain seq x y z
N ILE A 1 6.44 -6.25 7.21
CA ILE A 1 6.80 -7.08 6.07
C ILE A 1 7.70 -8.20 6.60
N VAL A 2 7.34 -9.47 6.30
CA VAL A 2 8.11 -10.63 6.71
C VAL A 2 8.96 -11.09 5.55
N GLU A 3 10.25 -11.33 5.79
CA GLU A 3 11.15 -11.86 4.77
C GLU A 3 11.30 -10.93 3.57
N GLY A 4 11.21 -9.63 3.81
CA GLY A 4 11.56 -8.63 2.82
C GLY A 4 12.94 -8.07 3.04
N SER A 5 13.18 -6.88 2.48
CA SER A 5 14.46 -6.20 2.60
C SER A 5 14.23 -4.71 2.77
N ASP A 6 15.29 -4.02 3.18
CA ASP A 6 15.26 -2.55 3.26
C ASP A 6 14.99 -1.95 1.90
N ALA A 7 14.06 -1.00 1.86
CA ALA A 7 13.85 -0.23 0.65
C ALA A 7 15.05 0.63 0.32
N GLU A 8 15.24 0.89 -0.98
CA GLU A 8 16.18 1.92 -1.40
C GLU A 8 15.57 3.31 -1.19
N ILE A 9 16.43 4.31 -1.08
CA ILE A 9 15.95 5.68 -0.95
C ILE A 9 15.16 6.06 -2.20
N GLY A 10 13.95 6.60 -2.00
CA GLY A 10 13.11 7.02 -3.09
C GLY A 10 12.49 5.90 -3.89
N MET A 11 12.54 4.67 -3.38
CA MET A 11 12.03 3.51 -4.13
C MET A 11 10.52 3.49 -4.22
N SER A 12 9.85 4.06 -3.21
N SER A 12 9.84 4.00 -3.18
CA SER A 12 8.40 4.01 -3.09
CA SER A 12 8.38 4.00 -3.10
C SER A 12 7.92 5.38 -2.65
C SER A 12 7.93 5.38 -2.64
N PRO A 13 8.04 6.39 -3.51
CA PRO A 13 7.80 7.77 -3.08
C PRO A 13 6.36 8.10 -2.87
N TRP A 14 5.48 7.17 -3.20
CA TRP A 14 4.06 7.24 -2.89
C TRP A 14 3.71 6.62 -1.54
N GLN A 15 4.70 6.08 -0.83
N GLN A 15 4.67 6.01 -0.83
CA GLN A 15 4.42 5.47 0.46
CA GLN A 15 4.30 5.34 0.41
C GLN A 15 3.92 6.51 1.44
C GLN A 15 3.97 6.40 1.46
N VAL A 16 2.88 6.17 2.19
CA VAL A 16 2.38 7.07 3.23
C VAL A 16 2.30 6.29 4.53
N MET A 17 2.67 6.93 5.63
CA MET A 17 2.45 6.42 6.98
C MET A 17 1.27 7.14 7.59
N LEU A 18 0.30 6.37 8.03
CA LEU A 18 -0.77 6.89 8.86
C LEU A 18 -0.30 6.83 10.30
N PHE A 19 -0.32 7.98 10.96
CA PHE A 19 0.32 8.15 12.26
C PHE A 19 -0.72 8.59 13.27
N ARG A 20 -0.84 7.83 14.35
CA ARG A 20 -1.76 8.21 15.42
C ARG A 20 -1.13 9.32 16.26
N LYS A 21 -1.92 10.34 16.56
CA LYS A 21 -1.42 11.48 17.34
C LYS A 21 -1.17 11.11 18.80
N SER A 22 -2.14 10.44 19.44
CA SER A 22 -2.00 10.11 20.86
C SER A 22 -2.63 8.74 21.13
N PRO A 23 -1.85 7.72 21.54
CA PRO A 23 -0.39 7.69 21.64
C PRO A 23 0.26 7.83 20.26
N GLN A 24 1.44 8.43 20.19
CA GLN A 24 2.17 8.52 18.92
C GLN A 24 2.58 7.12 18.47
N GLU A 25 2.01 6.64 17.37
CA GLU A 25 2.33 5.29 16.93
C GLU A 25 1.93 5.12 15.47
N LEU A 26 2.55 4.14 14.82
CA LEU A 26 2.13 3.75 13.48
C LEU A 26 0.72 3.17 13.52
N LEU A 27 -0.16 3.68 12.67
CA LEU A 27 -1.49 3.12 12.52
C LEU A 27 -1.59 2.18 11.33
N CYS A 28 -0.99 2.54 10.20
CA CYS A 28 -1.20 1.79 8.97
C CYS A 28 -0.31 2.40 7.91
N GLY A 29 -0.22 1.69 6.78
CA GLY A 29 0.27 2.26 5.54
C GLY A 29 -0.87 2.86 4.73
N ALA A 30 -0.48 3.49 3.64
CA ALA A 30 -1.38 4.21 2.74
C ALA A 30 -0.53 4.61 1.55
N SER A 31 -1.17 5.22 0.54
CA SER A 31 -0.43 5.65 -0.64
C SER A 31 -0.93 6.99 -1.16
N LEU A 32 -0.02 7.73 -1.79
CA LEU A 32 -0.32 9.04 -2.35
C LEU A 32 -0.75 8.88 -3.81
N ILE A 33 -1.95 9.33 -4.13
CA ILE A 33 -2.45 9.21 -5.50
C ILE A 33 -2.63 10.55 -6.17
N SER A 34 -2.44 11.65 -5.46
CA SER A 34 -2.40 12.99 -6.04
C SER A 34 -1.87 13.92 -4.95
N ASP A 35 -1.81 15.21 -5.25
CA ASP A 35 -1.25 16.09 -4.22
C ASP A 35 -2.21 16.32 -3.04
N ARG A 36 -3.48 15.88 -3.14
CA ARG A 36 -4.43 16.10 -2.07
C ARG A 36 -5.09 14.81 -1.59
N TRP A 37 -4.83 13.65 -2.22
CA TRP A 37 -5.59 12.44 -1.92
C TRP A 37 -4.69 11.26 -1.58
N VAL A 38 -5.03 10.57 -0.49
CA VAL A 38 -4.33 9.40 0.02
C VAL A 38 -5.29 8.23 0.07
N LEU A 39 -4.82 7.08 -0.40
CA LEU A 39 -5.58 5.84 -0.43
C LEU A 39 -5.11 4.90 0.66
N THR A 40 -6.05 4.22 1.32
CA THR A 40 -5.70 3.25 2.36
C THR A 40 -6.80 2.18 2.44
N ALA A 41 -6.62 1.26 3.38
CA ALA A 41 -7.64 0.25 3.69
C ALA A 41 -8.66 0.83 4.64
N ALA A 42 -9.94 0.56 4.39
CA ALA A 42 -10.98 0.98 5.32
C ALA A 42 -10.75 0.47 6.74
N HIS A 43 -10.27 -0.76 6.90
CA HIS A 43 -10.14 -1.30 8.25
C HIS A 43 -9.05 -0.60 9.05
N CYS A 44 -8.19 0.18 8.40
CA CYS A 44 -7.25 1.04 9.12
C CYS A 44 -7.96 2.13 9.90
N LEU A 45 -9.13 2.56 9.43
CA LEU A 45 -9.87 3.67 10.01
C LEU A 45 -11.12 3.23 10.75
N LEU A 46 -11.75 2.13 10.33
CA LEU A 46 -13.03 1.69 10.88
C LEU A 46 -13.02 0.17 11.02
N TYR A 47 -13.08 -0.33 12.25
CA TYR A 47 -13.18 -1.77 12.47
C TYR A 47 -13.81 -1.99 13.84
N PRO A 48 -15.14 -1.97 13.88
CA PRO A 48 -15.86 -2.03 15.16
C PRO A 48 -15.51 -3.23 16.02
N PRO A 49 -15.19 -4.40 15.45
CA PRO A 49 -14.87 -5.53 16.35
C PRO A 49 -13.73 -5.23 17.30
N TRP A 50 -12.84 -4.32 16.91
CA TRP A 50 -11.70 -3.89 17.72
C TRP A 50 -11.87 -2.47 18.26
N ASP A 51 -13.10 -1.96 18.27
CA ASP A 51 -13.41 -0.62 18.76
C ASP A 51 -12.58 0.44 18.07
N LYS A 52 -12.33 0.24 16.76
CA LYS A 52 -11.57 1.19 15.95
C LYS A 52 -12.56 2.02 15.12
N ASN A 53 -12.53 3.34 15.34
CA ASN A 53 -13.35 4.26 14.55
C ASN A 53 -12.67 5.63 14.63
N PHE A 54 -11.69 5.85 13.78
CA PHE A 54 -10.92 7.08 13.85
C PHE A 54 -11.64 8.22 13.13
N THR A 55 -11.48 9.42 13.67
CA THR A 55 -11.93 10.64 13.04
C THR A 55 -10.72 11.40 12.51
N GLU A 56 -10.98 12.40 11.69
CA GLU A 56 -9.90 13.12 11.01
C GLU A 56 -8.84 13.63 11.98
N ASN A 57 -9.25 14.20 13.11
CA ASN A 57 -8.27 14.85 13.99
C ASN A 57 -7.48 13.85 14.82
N ASP A 58 -7.79 12.56 14.76
CA ASP A 58 -7.01 11.58 15.49
C ASP A 58 -5.68 11.26 14.84
N LEU A 59 -5.49 11.62 13.56
CA LEU A 59 -4.45 11.06 12.72
C LEU A 59 -3.68 12.14 11.99
N LEU A 60 -2.46 11.80 11.62
CA LEU A 60 -1.67 12.56 10.67
C LEU A 60 -1.24 11.62 9.56
N VAL A 61 -0.91 12.17 8.39
CA VAL A 61 -0.25 11.39 7.36
C VAL A 61 1.15 11.92 7.20
N ARG A 62 2.11 11.00 7.10
CA ARG A 62 3.53 11.34 6.99
C ARG A 62 4.02 10.79 5.67
N ILE A 63 4.50 11.68 4.81
CA ILE A 63 4.79 11.38 3.42
C ILE A 63 6.27 11.61 3.18
N GLY A 64 6.88 10.76 2.36
CA GLY A 64 8.28 10.87 2.03
C GLY A 64 9.20 10.16 2.98
N LYS A 65 8.68 9.26 3.81
CA LYS A 65 9.48 8.67 4.87
C LYS A 65 10.26 7.46 4.42
N HIS A 66 11.31 7.16 5.19
CA HIS A 66 12.11 5.97 5.02
C HIS A 66 12.29 5.31 6.39
N SER A 67 12.92 6.03 7.31
CA SER A 67 12.99 5.56 8.69
C SER A 67 11.59 5.43 9.29
N ARG A 68 11.36 4.33 10.03
CA ARG A 68 10.08 4.14 10.72
C ARG A 68 9.86 5.19 11.80
N THR A 69 10.81 5.33 12.73
CA THR A 69 10.54 6.10 13.94
C THR A 69 11.11 7.51 13.95
N ARG A 70 12.11 7.81 13.12
N ARG A 70 12.11 7.81 13.13
CA ARG A 70 12.77 9.12 13.12
CA ARG A 70 12.75 9.11 13.21
C ARG A 70 11.85 10.18 12.52
C ARG A 70 11.92 10.17 12.50
N TYR A 71 12.02 11.41 13.01
CA TYR A 71 11.46 12.57 12.33
C TYR A 71 12.47 12.98 11.27
N GLU A 72 12.13 12.76 9.99
CA GLU A 72 13.07 12.89 8.87
C GLU A 72 13.03 14.33 8.37
N ARG A 73 13.66 15.18 9.17
CA ARG A 73 13.72 16.60 8.91
C ARG A 73 14.21 16.91 7.50
N ASN A 74 13.53 17.85 6.84
CA ASN A 74 13.83 18.31 5.48
C ASN A 74 13.51 17.30 4.40
N ILE A 75 12.88 16.18 4.76
CA ILE A 75 12.60 15.11 3.80
C ILE A 75 11.12 14.76 3.86
N GLU A 76 10.66 14.28 5.02
CA GLU A 76 9.25 13.97 5.13
C GLU A 76 8.42 15.23 5.27
N LYS A 77 7.16 15.10 4.88
CA LYS A 77 6.15 16.12 5.08
C LYS A 77 4.96 15.52 5.81
N ILE A 78 4.42 16.28 6.75
CA ILE A 78 3.35 15.82 7.62
C ILE A 78 2.11 16.63 7.28
N SER A 79 1.01 15.93 6.97
CA SER A 79 -0.22 16.55 6.51
C SER A 79 -1.36 16.21 7.45
N MET A 80 -2.29 17.14 7.57
CA MET A 80 -3.51 16.95 8.34
C MET A 80 -4.63 16.51 7.40
N LEU A 81 -5.61 15.80 7.96
CA LEU A 81 -6.74 15.30 7.20
C LEU A 81 -7.89 16.29 7.18
N GLU A 82 -8.41 16.57 5.98
CA GLU A 82 -9.66 17.32 5.84
C GLU A 82 -10.86 16.41 6.02
N LYS A 83 -10.87 15.25 5.35
CA LYS A 83 -12.05 14.40 5.39
C LYS A 83 -11.67 12.97 5.02
N ILE A 84 -12.29 12.02 5.73
CA ILE A 84 -12.19 10.59 5.47
C ILE A 84 -13.44 10.14 4.72
N TYR A 85 -13.25 9.29 3.70
CA TYR A 85 -14.31 8.67 2.91
C TYR A 85 -14.08 7.16 2.91
N ILE A 86 -14.99 6.42 3.53
CA ILE A 86 -14.93 4.97 3.54
C ILE A 86 -15.94 4.43 2.56
N HIS A 87 -15.58 3.38 1.84
CA HIS A 87 -16.50 2.82 0.87
C HIS A 87 -17.84 2.50 1.56
N PRO A 88 -18.98 2.90 0.97
CA PRO A 88 -20.26 2.72 1.66
C PRO A 88 -20.67 1.27 1.81
N ARG A 89 -20.04 0.36 1.08
CA ARG A 89 -20.35 -1.06 1.19
C ARG A 89 -19.17 -1.87 1.72
N TYR A 90 -18.21 -1.20 2.36
CA TYR A 90 -17.18 -1.90 3.12
C TYR A 90 -17.81 -2.85 4.13
N ASN A 91 -17.41 -4.12 4.06
CA ASN A 91 -18.01 -5.19 4.88
C ASN A 91 -17.03 -5.52 6.01
N TRP A 92 -17.11 -4.73 7.09
CA TRP A 92 -16.31 -5.05 8.27
C TRP A 92 -16.91 -6.16 9.10
N ARG A 93 -18.17 -6.51 8.85
N ARG A 93 -18.18 -6.50 8.86
CA ARG A 93 -18.85 -7.51 9.68
CA ARG A 93 -18.83 -7.52 9.68
C ARG A 93 -18.40 -8.93 9.36
C ARG A 93 -18.30 -8.90 9.38
N GLU A 94 -18.03 -9.19 8.10
CA GLU A 94 -17.77 -10.56 7.65
C GLU A 94 -16.34 -10.76 7.15
N ASN A 95 -15.98 -10.18 5.98
CA ASN A 95 -14.80 -10.64 5.25
C ASN A 95 -13.93 -9.50 4.74
N LEU A 96 -14.17 -8.26 5.18
CA LEU A 96 -13.45 -7.08 4.70
C LEU A 96 -13.66 -6.83 3.21
N ASP A 97 -14.78 -7.27 2.66
CA ASP A 97 -15.08 -6.92 1.27
C ASP A 97 -15.07 -5.41 1.10
N ARG A 98 -14.49 -4.94 -0.01
CA ARG A 98 -14.38 -3.51 -0.34
C ARG A 98 -13.62 -2.74 0.73
N ASP A 99 -12.44 -3.25 1.08
CA ASP A 99 -11.61 -2.69 2.15
C ASP A 99 -10.81 -1.53 1.58
N ILE A 100 -11.48 -0.38 1.45
CA ILE A 100 -10.87 0.76 0.77
C ILE A 100 -11.42 2.04 1.37
N ALA A 101 -10.55 3.05 1.47
CA ALA A 101 -10.91 4.35 2.01
C ALA A 101 -10.01 5.39 1.37
N LEU A 102 -10.55 6.61 1.25
CA LEU A 102 -9.79 7.77 0.80
C LEU A 102 -9.71 8.82 1.90
N MET A 103 -8.60 9.57 1.89
CA MET A 103 -8.41 10.70 2.79
C MET A 103 -8.01 11.90 1.95
N LYS A 104 -8.73 13.00 2.12
CA LYS A 104 -8.37 14.27 1.49
C LYS A 104 -7.56 15.08 2.48
N LEU A 105 -6.43 15.61 2.03
CA LEU A 105 -5.56 16.38 2.89
C LEU A 105 -6.03 17.83 2.95
N LYS A 106 -5.72 18.49 4.07
CA LYS A 106 -6.11 19.88 4.22
C LYS A 106 -5.40 20.78 3.21
N LYS A 107 -4.16 20.48 2.88
CA LYS A 107 -3.36 21.28 1.95
C LYS A 107 -2.61 20.34 1.02
N PRO A 108 -2.34 20.77 -0.22
CA PRO A 108 -1.56 19.94 -1.12
C PRO A 108 -0.16 19.72 -0.58
N VAL A 109 0.36 18.52 -0.80
CA VAL A 109 1.74 18.20 -0.42
C VAL A 109 2.62 18.50 -1.61
N ALA A 110 3.80 19.05 -1.31
CA ALA A 110 4.76 19.37 -2.34
C ALA A 110 5.51 18.12 -2.78
N PHE A 111 5.54 17.88 -4.09
CA PHE A 111 6.31 16.75 -4.60
C PHE A 111 7.81 17.05 -4.52
N SER A 112 8.58 15.98 -4.42
CA SER A 112 10.03 16.06 -4.23
C SER A 112 10.63 14.75 -4.72
N ASP A 113 11.94 14.61 -4.53
CA ASP A 113 12.60 13.35 -4.87
C ASP A 113 12.01 12.17 -4.09
N TYR A 114 11.43 12.45 -2.92
CA TYR A 114 10.95 11.45 -1.98
C TYR A 114 9.45 11.34 -1.93
N ILE A 115 8.72 12.21 -2.63
CA ILE A 115 7.27 12.33 -2.53
C ILE A 115 6.73 12.44 -3.96
N HIS A 116 5.96 11.45 -4.39
CA HIS A 116 5.47 11.44 -5.76
C HIS A 116 4.32 10.47 -5.86
N PRO A 117 3.26 10.76 -6.60
CA PRO A 117 2.09 9.88 -6.60
C PRO A 117 2.25 8.65 -7.50
N VAL A 118 1.57 7.58 -7.12
CA VAL A 118 1.47 6.36 -7.93
C VAL A 118 0.27 6.49 -8.86
N CYS A 119 0.28 5.75 -9.96
CA CYS A 119 -0.87 5.70 -10.85
C CYS A 119 -1.91 4.70 -10.39
N LEU A 120 -3.17 4.98 -10.75
CA LEU A 120 -4.20 3.97 -10.59
C LEU A 120 -4.48 3.30 -11.92
N PRO A 121 -4.72 1.99 -11.90
CA PRO A 121 -4.86 1.23 -13.16
C PRO A 121 -6.14 1.55 -13.92
N ASP A 122 -6.01 1.52 -15.25
CA ASP A 122 -7.12 1.41 -16.17
C ASP A 122 -7.52 -0.05 -16.35
N ARG A 123 -8.66 -0.28 -17.00
CA ARG A 123 -9.13 -1.66 -17.20
C ARG A 123 -8.11 -2.51 -17.95
N GLU A 124 -7.46 -1.94 -18.96
CA GLU A 124 -6.55 -2.73 -19.78
C GLU A 124 -5.27 -3.08 -19.02
N THR A 125 -4.74 -2.13 -18.26
CA THR A 125 -3.55 -2.42 -17.48
C THR A 125 -3.86 -3.48 -16.45
N ALA A 126 -5.04 -3.39 -15.82
CA ALA A 126 -5.43 -4.40 -14.84
C ALA A 126 -5.57 -5.77 -15.48
N ALA A 127 -6.26 -5.83 -16.61
CA ALA A 127 -6.44 -7.11 -17.29
C ALA A 127 -5.10 -7.72 -17.68
N SER A 128 -4.19 -6.89 -18.16
CA SER A 128 -2.88 -7.38 -18.59
C SER A 128 -2.03 -7.89 -17.44
N LEU A 129 -2.00 -7.17 -16.32
CA LEU A 129 -1.03 -7.47 -15.26
C LEU A 129 -1.58 -8.30 -14.12
N LEU A 130 -2.89 -8.32 -13.89
CA LEU A 130 -3.44 -9.08 -12.76
C LEU A 130 -3.65 -10.54 -13.17
N GLN A 131 -2.53 -11.24 -13.29
CA GLN A 131 -2.52 -12.62 -13.73
C GLN A 131 -1.65 -13.44 -12.80
N ALA A 132 -2.08 -14.68 -12.57
CA ALA A 132 -1.35 -15.58 -11.70
C ALA A 132 0.10 -15.71 -12.18
N GLY A 133 1.04 -15.61 -11.24
CA GLY A 133 2.45 -15.68 -11.54
C GLY A 133 3.10 -14.31 -11.71
N TYR A 134 2.35 -13.32 -12.14
CA TYR A 134 2.89 -11.97 -12.27
C TYR A 134 3.14 -11.39 -10.88
N LYS A 135 4.30 -10.75 -10.71
CA LYS A 135 4.71 -10.28 -9.40
C LYS A 135 4.40 -8.81 -9.21
N GLY A 136 3.98 -8.46 -8.00
CA GLY A 136 3.89 -7.10 -7.55
C GLY A 136 4.79 -6.89 -6.35
N ARG A 137 4.74 -5.67 -5.82
CA ARG A 137 5.65 -5.22 -4.77
C ARG A 137 4.82 -4.63 -3.64
N VAL A 138 5.09 -5.09 -2.42
CA VAL A 138 4.42 -4.62 -1.23
C VAL A 138 5.45 -3.97 -0.32
N THR A 139 5.07 -2.83 0.27
CA THR A 139 5.96 -2.03 1.11
C THR A 139 5.25 -1.67 2.41
N GLY A 140 6.03 -1.56 3.49
CA GLY A 140 5.44 -1.14 4.75
C GLY A 140 6.44 -1.15 5.89
N TRP A 141 5.99 -0.58 7.02
CA TRP A 141 6.74 -0.51 8.27
C TRP A 141 6.19 -1.46 9.31
N GLY A 142 5.38 -2.43 8.90
CA GLY A 142 4.78 -3.39 9.80
C GLY A 142 5.78 -4.40 10.34
N ASN A 143 5.24 -5.31 11.15
CA ASN A 143 6.07 -6.29 11.84
C ASN A 143 6.90 -7.14 10.88
N LEU A 144 8.10 -7.50 11.35
CA LEU A 144 8.98 -8.36 10.60
C LEU A 144 8.68 -9.84 10.79
N LYS A 145 7.89 -10.18 11.81
CA LYS A 145 7.56 -11.56 12.11
C LYS A 145 6.15 -11.57 12.67
N GLU A 146 5.46 -12.69 12.48
CA GLU A 146 4.10 -12.80 12.99
C GLU A 146 4.06 -12.66 14.51
N THR A 147 4.96 -13.34 15.21
CA THR A 147 4.90 -13.36 16.67
C THR A 147 5.80 -12.29 17.27
N GLY A 155 11.64 -7.79 15.52
CA GLY A 155 10.32 -7.23 15.78
C GLY A 155 9.83 -6.22 14.77
N GLN A 156 10.27 -4.97 14.90
CA GLN A 156 9.83 -3.89 14.03
C GLN A 156 11.04 -3.30 13.28
N PRO A 157 10.83 -2.83 12.05
CA PRO A 157 11.97 -2.45 11.21
C PRO A 157 12.50 -1.05 11.49
N SER A 158 13.78 -0.86 11.21
CA SER A 158 14.33 0.48 11.29
C SER A 158 13.86 1.34 10.14
N VAL A 159 13.76 0.76 8.93
CA VAL A 159 13.38 1.50 7.75
C VAL A 159 12.34 0.70 6.95
N LEU A 160 11.71 1.40 6.03
CA LEU A 160 10.70 0.82 5.16
C LEU A 160 11.17 -0.49 4.53
N GLN A 161 10.31 -1.50 4.55
CA GLN A 161 10.58 -2.82 4.00
C GLN A 161 9.84 -3.03 2.68
N VAL A 162 10.43 -3.88 1.84
N VAL A 162 10.43 -3.85 1.82
CA VAL A 162 9.93 -4.17 0.50
CA VAL A 162 9.90 -4.14 0.49
C VAL A 162 9.95 -5.67 0.28
C VAL A 162 9.98 -5.65 0.25
N VAL A 163 8.95 -6.19 -0.39
CA VAL A 163 8.96 -7.58 -0.85
C VAL A 163 8.17 -7.69 -2.14
N ASN A 164 8.70 -8.49 -3.06
CA ASN A 164 8.05 -8.79 -4.33
C ASN A 164 7.38 -10.14 -4.21
N LEU A 165 6.11 -10.23 -4.63
CA LEU A 165 5.32 -11.45 -4.46
C LEU A 165 4.47 -11.74 -5.70
N PRO A 166 4.33 -13.01 -6.07
CA PRO A 166 3.48 -13.35 -7.22
C PRO A 166 2.01 -13.43 -6.86
N ILE A 167 1.16 -12.94 -7.78
CA ILE A 167 -0.28 -13.15 -7.70
C ILE A 167 -0.56 -14.65 -7.83
N VAL A 168 -1.54 -15.11 -7.09
CA VAL A 168 -1.89 -16.53 -7.00
C VAL A 168 -3.23 -16.80 -7.72
N GLU A 169 -3.31 -17.98 -8.33
CA GLU A 169 -4.53 -18.44 -8.96
C GLU A 169 -5.71 -18.36 -8.00
N ARG A 170 -6.87 -17.92 -8.48
CA ARG A 170 -8.00 -17.72 -7.58
C ARG A 170 -8.43 -19.00 -6.88
N PRO A 171 -8.45 -20.17 -7.52
CA PRO A 171 -8.84 -21.38 -6.78
C PRO A 171 -7.90 -21.72 -5.66
N VAL A 172 -6.61 -21.45 -5.83
CA VAL A 172 -5.65 -21.68 -4.77
C VAL A 172 -5.88 -20.72 -3.61
N CYS A 173 -6.15 -19.43 -3.92
CA CYS A 173 -6.51 -18.48 -2.88
C CYS A 173 -7.69 -18.98 -2.08
N LYS A 174 -8.75 -19.39 -2.78
CA LYS A 174 -9.97 -19.83 -2.12
C LYS A 174 -9.73 -21.06 -1.25
N ASP A 175 -8.95 -22.02 -1.74
CA ASP A 175 -8.71 -23.28 -1.05
C ASP A 175 -7.78 -23.13 0.13
N SER A 176 -7.21 -21.95 0.34
CA SER A 176 -6.26 -21.71 1.41
C SER A 176 -6.93 -21.18 2.67
N THR A 177 -8.22 -20.86 2.60
CA THR A 177 -8.84 -20.07 3.65
C THR A 177 -10.29 -20.50 3.83
N ARG A 178 -10.82 -20.20 5.01
CA ARG A 178 -12.24 -20.35 5.28
C ARG A 178 -13.01 -19.05 5.13
N ILE A 179 -12.32 -17.92 4.98
CA ILE A 179 -12.97 -16.65 4.70
C ILE A 179 -13.57 -16.70 3.30
N ARG A 180 -14.73 -16.04 3.14
CA ARG A 180 -15.37 -15.95 1.84
C ARG A 180 -14.65 -14.90 1.01
N ILE A 181 -14.02 -15.32 -0.08
CA ILE A 181 -13.34 -14.42 -0.99
C ILE A 181 -14.34 -13.81 -1.96
N THR A 182 -14.06 -12.60 -2.41
CA THR A 182 -14.88 -11.94 -3.41
C THR A 182 -14.01 -11.44 -4.56
N ASP A 183 -14.70 -11.02 -5.62
CA ASP A 183 -14.02 -10.44 -6.77
C ASP A 183 -13.33 -9.13 -6.44
N ASN A 184 -13.60 -8.53 -5.28
CA ASN A 184 -12.94 -7.30 -4.88
C ASN A 184 -11.65 -7.56 -4.13
N MET A 185 -11.16 -8.80 -4.17
CA MET A 185 -9.92 -9.22 -3.53
C MET A 185 -9.08 -10.02 -4.51
N PHE A 186 -7.78 -10.01 -4.30
CA PHE A 186 -6.92 -11.02 -4.91
C PHE A 186 -5.89 -11.43 -3.88
N CYS A 187 -5.18 -12.52 -4.11
CA CYS A 187 -4.19 -12.95 -3.13
C CYS A 187 -2.84 -13.13 -3.82
N ALA A 188 -1.78 -13.03 -3.02
CA ALA A 188 -0.43 -13.11 -3.54
C ALA A 188 0.49 -13.73 -2.48
N GLY A 189 1.56 -14.32 -2.96
CA GLY A 189 2.53 -14.98 -2.11
C GLY A 189 3.05 -16.23 -2.77
N TYR A 190 4.16 -16.74 -2.24
CA TYR A 190 4.74 -17.96 -2.75
C TYR A 190 4.07 -19.16 -2.12
N LYS A 191 4.10 -20.27 -2.86
CA LYS A 191 3.60 -21.54 -2.37
C LYS A 191 4.69 -22.25 -1.58
N PRO A 192 4.32 -23.19 -0.72
CA PRO A 192 5.33 -23.90 0.08
C PRO A 192 6.43 -24.52 -0.75
N ASP A 193 6.11 -25.04 -1.93
CA ASP A 193 7.12 -25.69 -2.76
C ASP A 193 8.13 -24.70 -3.32
N GLU A 194 7.75 -23.44 -3.48
CA GLU A 194 8.48 -22.54 -4.36
C GLU A 194 9.83 -22.10 -3.80
N GLY A 195 10.08 -22.25 -2.50
CA GLY A 195 11.42 -21.98 -1.98
C GLY A 195 11.82 -20.52 -1.88
N LYS A 196 10.86 -19.62 -2.03
CA LYS A 196 10.99 -18.21 -1.65
C LYS A 196 9.80 -17.93 -0.74
N ARG A 197 9.88 -16.89 0.08
CA ARG A 197 8.75 -16.56 0.95
C ARG A 197 8.62 -15.04 1.06
N GLY A 198 7.78 -14.60 1.99
CA GLY A 198 7.48 -13.19 2.14
C GLY A 198 6.00 -12.91 2.26
N ASP A 199 5.67 -11.85 2.98
CA ASP A 199 4.28 -11.51 3.23
C ASP A 199 4.21 -10.14 3.87
N ALA A 200 3.03 -9.54 3.78
CA ALA A 200 2.68 -8.44 4.64
C ALA A 200 2.30 -8.95 6.04
N CYS A 201 2.33 -8.03 7.00
CA CYS A 201 2.00 -8.39 8.37
C CYS A 201 1.28 -7.23 9.04
N GLU A 202 0.91 -7.40 10.30
CA GLU A 202 0.25 -6.32 11.01
C GLU A 202 1.10 -5.05 10.99
N GLY A 203 0.46 -3.90 10.72
CA GLY A 203 1.13 -2.64 10.54
C GLY A 203 1.35 -2.27 9.08
N ASP A 204 1.34 -3.26 8.19
CA ASP A 204 1.44 -3.03 6.75
C ASP A 204 0.10 -2.74 6.09
N SER A 205 -1.01 -3.04 6.78
CA SER A 205 -2.35 -2.72 6.32
C SER A 205 -2.44 -1.37 5.66
N GLY A 206 -3.17 -1.32 4.57
CA GLY A 206 -3.42 -0.06 3.91
C GLY A 206 -2.35 0.36 2.95
N GLY A 207 -1.17 -0.27 2.97
CA GLY A 207 -0.13 0.05 2.03
C GLY A 207 -0.40 -0.55 0.67
N PRO A 208 0.42 -0.14 -0.30
CA PRO A 208 0.19 -0.50 -1.69
C PRO A 208 0.86 -1.78 -2.15
N PHE A 209 0.16 -2.48 -3.06
CA PHE A 209 0.71 -3.56 -3.88
C PHE A 209 0.81 -2.96 -5.27
N VAL A 210 2.04 -2.75 -5.75
CA VAL A 210 2.28 -2.02 -7.00
C VAL A 210 2.93 -2.96 -8.02
N MET A 211 2.72 -2.61 -9.30
CA MET A 211 3.28 -3.33 -10.43
C MET A 211 3.80 -2.28 -11.41
N LYS A 212 4.91 -2.58 -12.07
CA LYS A 212 5.50 -1.63 -13.04
C LYS A 212 5.07 -2.09 -14.43
N SER A 213 4.25 -1.27 -15.09
CA SER A 213 3.77 -1.67 -16.41
C SER A 213 4.94 -1.83 -17.37
N PRO A 214 5.03 -2.94 -18.10
CA PRO A 214 6.09 -3.06 -19.11
C PRO A 214 5.76 -2.34 -20.41
N PHE A 215 4.53 -1.81 -20.51
CA PHE A 215 4.12 -1.08 -21.70
C PHE A 215 4.54 0.37 -21.65
N ASN A 216 4.39 1.02 -20.49
CA ASN A 216 4.72 2.43 -20.38
C ASN A 216 5.66 2.76 -19.23
N ASN A 217 6.14 1.75 -18.50
CA ASN A 217 7.21 1.88 -17.52
C ASN A 217 6.83 2.77 -16.35
N ARG A 218 5.54 2.78 -16.03
CA ARG A 218 4.98 3.48 -14.89
C ARG A 218 4.49 2.49 -13.84
N TRP A 219 4.60 2.90 -12.58
CA TRP A 219 4.10 2.11 -11.46
C TRP A 219 2.62 2.36 -11.23
N TYR A 220 1.88 1.26 -11.12
CA TYR A 220 0.45 1.25 -10.86
C TYR A 220 0.17 0.56 -9.55
N GLN A 221 -0.77 1.11 -8.79
CA GLN A 221 -1.21 0.45 -7.57
C GLN A 221 -2.39 -0.47 -7.88
N MET A 222 -2.15 -1.77 -7.82
CA MET A 222 -3.18 -2.75 -8.13
C MET A 222 -3.90 -3.24 -6.90
N GLY A 223 -3.27 -3.14 -5.72
CA GLY A 223 -3.87 -3.68 -4.51
C GLY A 223 -3.58 -2.82 -3.30
N ILE A 224 -4.33 -3.09 -2.24
CA ILE A 224 -4.15 -2.51 -0.91
C ILE A 224 -4.00 -3.67 0.06
N VAL A 225 -2.97 -3.63 0.91
CA VAL A 225 -2.84 -4.68 1.93
C VAL A 225 -4.10 -4.71 2.78
N SER A 226 -4.76 -5.88 2.81
CA SER A 226 -6.06 -5.98 3.48
C SER A 226 -6.07 -7.01 4.61
N TRP A 227 -5.83 -8.29 4.33
CA TRP A 227 -5.98 -9.29 5.38
C TRP A 227 -5.16 -10.53 5.08
N GLY A 228 -5.04 -11.36 6.11
CA GLY A 228 -4.30 -12.60 6.02
C GLY A 228 -4.53 -13.37 7.30
N GLU A 229 -4.13 -14.62 7.26
CA GLU A 229 -4.20 -15.49 8.44
C GLU A 229 -2.76 -15.69 8.92
N GLY A 230 -2.37 -14.94 9.94
CA GLY A 230 -0.96 -14.91 10.30
C GLY A 230 -0.15 -14.11 9.28
N CYS A 231 1.17 -14.30 9.34
CA CYS A 231 2.11 -13.66 8.43
C CYS A 231 3.10 -14.69 7.95
N ASP A 232 3.23 -14.83 6.62
CA ASP A 232 4.22 -15.69 5.99
C ASP A 232 4.07 -17.15 6.40
N ARG A 233 2.84 -17.60 6.63
CA ARG A 233 2.61 -19.00 6.92
C ARG A 233 2.61 -19.83 5.64
N ASP A 234 3.22 -21.01 5.70
CA ASP A 234 3.16 -21.91 4.55
C ASP A 234 1.71 -22.24 4.25
N GLY A 235 1.34 -22.16 2.97
CA GLY A 235 0.02 -22.53 2.56
C GLY A 235 -1.02 -21.46 2.78
N LYS A 236 -0.64 -20.32 3.33
CA LYS A 236 -1.50 -19.15 3.45
C LYS A 236 -0.98 -18.09 2.49
N TYR A 237 -1.86 -17.14 2.16
CA TYR A 237 -1.52 -16.08 1.23
C TYR A 237 -2.03 -14.76 1.79
N GLY A 238 -1.41 -13.68 1.36
CA GLY A 238 -1.92 -12.37 1.69
C GLY A 238 -3.02 -11.96 0.71
N PHE A 239 -4.04 -11.28 1.25
CA PHE A 239 -5.17 -10.79 0.46
C PHE A 239 -5.16 -9.27 0.38
N TYR A 240 -5.49 -8.78 -0.81
CA TYR A 240 -5.32 -7.40 -1.21
C TYR A 240 -6.64 -6.91 -1.80
N THR A 241 -7.05 -5.71 -1.43
CA THR A 241 -8.16 -5.06 -2.12
C THR A 241 -7.84 -4.86 -3.59
N HIS A 242 -8.79 -5.19 -4.46
CA HIS A 242 -8.64 -5.08 -5.91
C HIS A 242 -8.96 -3.64 -6.31
N VAL A 243 -7.93 -2.81 -6.49
CA VAL A 243 -8.11 -1.37 -6.65
C VAL A 243 -8.91 -1.08 -7.92
N PHE A 244 -8.59 -1.75 -9.03
CA PHE A 244 -9.34 -1.45 -10.25
C PHE A 244 -10.84 -1.74 -10.11
N ARG A 245 -11.21 -2.84 -9.43
CA ARG A 245 -12.63 -3.17 -9.27
C ARG A 245 -13.40 -2.09 -8.51
N LEU A 246 -12.71 -1.29 -7.71
CA LEU A 246 -13.33 -0.24 -6.91
C LEU A 246 -13.01 1.16 -7.43
N LYS A 247 -12.44 1.26 -8.64
CA LYS A 247 -12.00 2.56 -9.13
C LYS A 247 -13.17 3.50 -9.42
N LYS A 248 -14.32 2.97 -9.84
CA LYS A 248 -15.46 3.85 -10.09
C LYS A 248 -15.85 4.61 -8.83
N TRP A 249 -15.78 3.95 -7.67
CA TRP A 249 -16.03 4.63 -6.41
C TRP A 249 -14.96 5.69 -6.14
N ILE A 250 -13.69 5.34 -6.35
CA ILE A 250 -12.61 6.30 -6.14
C ILE A 250 -12.87 7.55 -6.96
N GLN A 251 -13.16 7.37 -8.25
CA GLN A 251 -13.37 8.50 -9.14
C GLN A 251 -14.58 9.32 -8.71
N LYS A 252 -15.66 8.64 -8.29
CA LYS A 252 -16.85 9.35 -7.84
C LYS A 252 -16.53 10.26 -6.66
N VAL A 253 -15.76 9.77 -5.70
CA VAL A 253 -15.41 10.58 -4.53
C VAL A 253 -14.55 11.77 -4.93
N ILE A 254 -13.54 11.53 -5.76
CA ILE A 254 -12.63 12.61 -6.10
C ILE A 254 -13.35 13.64 -6.97
N ASP A 255 -14.22 13.18 -7.88
CA ASP A 255 -14.95 14.11 -8.73
C ASP A 255 -15.91 14.97 -7.91
N GLN A 256 -16.57 14.36 -6.92
CA GLN A 256 -17.55 15.09 -6.11
C GLN A 256 -16.87 16.05 -5.14
N PHE A 257 -15.74 15.63 -4.54
CA PHE A 257 -15.19 16.31 -3.38
C PHE A 257 -13.82 16.93 -3.61
N GLY A 258 -13.25 16.79 -4.81
CA GLY A 258 -11.88 17.22 -5.06
C GLY A 258 -11.82 18.56 -5.75
N GLU B 6 -2.29 11.96 -12.13
CA GLU B 6 -1.38 12.96 -12.66
C GLU B 6 -0.75 12.46 -13.96
N ALA B 7 -0.46 13.40 -14.86
CA ALA B 7 0.26 13.05 -16.08
C ALA B 7 1.62 12.41 -15.77
N ASP B 8 2.20 12.74 -14.62
CA ASP B 8 3.51 12.25 -14.25
C ASP B 8 3.45 11.14 -13.21
N CYS B 9 2.28 10.55 -12.99
CA CYS B 9 2.15 9.55 -11.94
C CYS B 9 3.05 8.35 -12.23
N GLY B 10 3.49 7.70 -11.16
CA GLY B 10 4.15 6.43 -11.30
C GLY B 10 5.55 6.47 -11.84
N LEU B 11 6.14 7.65 -12.00
CA LEU B 11 7.50 7.80 -12.48
C LEU B 11 8.33 8.40 -11.33
N ARG B 12 9.30 7.63 -10.84
CA ARG B 12 9.98 8.03 -9.60
C ARG B 12 11.13 8.97 -9.90
N PRO B 13 11.22 10.10 -9.19
CA PRO B 13 12.33 11.04 -9.43
C PRO B 13 13.70 10.40 -9.38
N LEU B 14 13.93 9.45 -8.46
CA LEU B 14 15.26 8.91 -8.27
C LEU B 14 15.50 7.65 -9.08
N PHE B 15 14.51 7.22 -9.87
CA PHE B 15 14.66 6.04 -10.69
C PHE B 15 14.23 6.32 -12.12
N GLU B 16 12.94 6.19 -12.46
CA GLU B 16 12.54 6.33 -13.85
C GLU B 16 12.96 7.67 -14.43
N LYS B 17 12.82 8.74 -13.64
CA LYS B 17 13.09 10.07 -14.18
C LYS B 17 14.56 10.26 -14.53
N LYS B 18 15.47 9.49 -13.95
N LYS B 18 15.45 9.47 -13.93
CA LYS B 18 16.87 9.56 -14.32
CA LYS B 18 16.89 9.50 -14.21
C LYS B 18 17.36 8.26 -14.94
C LYS B 18 17.35 8.31 -15.04
N SER B 19 16.44 7.42 -15.42
CA SER B 19 16.78 6.16 -16.07
C SER B 19 17.73 5.32 -15.22
N LEU B 20 17.43 5.22 -13.92
CA LEU B 20 18.09 4.29 -13.01
C LEU B 20 17.07 3.25 -12.59
N GLU B 21 17.52 2.01 -12.49
CA GLU B 21 16.68 0.91 -12.04
C GLU B 21 16.96 0.58 -10.59
N ASP B 22 15.92 0.21 -9.86
CA ASP B 22 16.13 -0.26 -8.51
C ASP B 22 16.58 -1.72 -8.56
N LYS B 23 16.99 -2.25 -7.40
CA LYS B 23 17.69 -3.52 -7.37
C LYS B 23 16.81 -4.73 -7.68
N THR B 24 15.49 -4.63 -7.59
CA THR B 24 14.65 -5.79 -7.85
C THR B 24 13.52 -5.58 -8.85
N GLU B 25 13.40 -4.42 -9.49
CA GLU B 25 12.31 -4.27 -10.43
C GLU B 25 12.42 -5.22 -11.62
N ARG B 26 13.63 -5.64 -11.97
CA ARG B 26 13.77 -6.62 -13.05
C ARG B 26 13.04 -7.92 -12.73
N GLU B 27 13.00 -8.32 -11.46
CA GLU B 27 12.26 -9.52 -11.07
C GLU B 27 10.78 -9.40 -11.45
N LEU B 28 10.22 -8.22 -11.28
CA LEU B 28 8.84 -8.01 -11.70
C LEU B 28 8.71 -8.18 -13.21
N LEU B 29 9.57 -7.49 -13.97
CA LEU B 29 9.49 -7.54 -15.42
C LEU B 29 9.58 -8.98 -15.91
N GLU B 30 10.49 -9.76 -15.33
CA GLU B 30 10.69 -11.12 -15.81
C GLU B 30 9.47 -11.99 -15.58
N SER B 31 8.60 -11.61 -14.67
CA SER B 31 7.38 -12.36 -14.41
C SER B 31 6.24 -11.97 -15.35
N TYR B 32 6.39 -10.90 -16.12
CA TYR B 32 5.30 -10.38 -16.96
C TYR B 32 5.44 -10.96 -18.37
N ILE B 33 4.64 -11.98 -18.66
CA ILE B 33 4.70 -12.62 -19.97
C ILE B 33 3.85 -11.90 -21.03
N ASP B 34 2.73 -11.29 -20.62
CA ASP B 34 1.79 -10.69 -21.57
C ASP B 34 2.49 -9.68 -22.48
N GLY B 35 2.38 -9.89 -23.79
CA GLY B 35 2.71 -8.84 -24.73
C GLY B 35 4.15 -8.75 -25.19
N ARG B 36 5.03 -9.65 -24.76
CA ARG B 36 6.43 -9.50 -25.16
C ARG B 36 6.69 -10.25 -26.46
N ASP C 1 8.24 4.39 20.68
CA ASP C 1 9.64 4.61 20.37
C ASP C 1 9.80 5.59 19.21
N PHE C 2 8.80 6.44 19.01
CA PHE C 2 8.83 7.41 17.92
C PHE C 2 9.44 8.74 18.37
N GLU C 3 10.28 9.30 17.52
CA GLU C 3 10.82 10.62 17.77
C GLU C 3 9.69 11.66 17.71
N GLU C 4 9.76 12.63 18.63
CA GLU C 4 8.77 13.70 18.65
C GLU C 4 8.76 14.42 17.31
N ILE C 5 7.56 14.77 16.85
CA ILE C 5 7.44 15.54 15.62
C ILE C 5 7.21 17.01 16.01
N PRO C 6 7.50 17.95 15.13
CA PRO C 6 7.35 19.37 15.48
C PRO C 6 5.94 19.69 15.97
N GLU C 7 5.87 20.60 16.95
CA GLU C 7 4.61 20.88 17.64
C GLU C 7 3.55 21.39 16.67
N GLU C 8 3.95 22.10 15.63
CA GLU C 8 3.01 22.66 14.67
C GLU C 8 2.06 21.60 14.10
N LEU C 10 0.85 19.00 15.60
CA LEU C 10 -0.08 18.48 16.59
C LEU C 10 -1.10 19.55 16.99
N GLN C 11 -0.90 20.78 16.50
CA GLN C 11 -1.81 21.88 16.81
C GLN C 11 -3.21 21.55 16.28
#